data_1VZH
#
_entry.id   1VZH
#
_cell.length_a   42.130
_cell.length_b   67.650
_cell.length_c   82.190
_cell.angle_alpha   90.00
_cell.angle_beta   90.00
_cell.angle_gamma   90.00
#
_symmetry.space_group_name_H-M   'P 21 21 21'
#
loop_
_entity.id
_entity.type
_entity.pdbx_description
1 polymer DESULFOFERRODOXIN
2 non-polymer 'FE (III) ION'
3 non-polymer 'CALCIUM ION'
4 non-polymer HEXACYANOFERRATE(3-)
5 water water
#
_entity_poly.entity_id   1
_entity_poly.type   'polypeptide(L)'
_entity_poly.pdbx_seq_one_letter_code
;MPERLQVYKCEVCGNIVEVLNGGIGELVCCNQDMKLMSENTVDAAKAKHVPVIEKIDGGYKVKVGAVAHPMEEKHYIQWI
ELLADDKCYTQFLKPGQAPEAVFLIEAAKVVAREYCNIHGHWKAEN
;
_entity_poly.pdbx_strand_id   A,B
#
loop_
_chem_comp.id
_chem_comp.type
_chem_comp.name
_chem_comp.formula
CA non-polymer 'CALCIUM ION' 'Ca 2'
FC6 non-polymer HEXACYANOFERRATE(3-) 'C6 Fe N6'
FE non-polymer 'FE (III) ION' 'Fe 3'
#
# COMPACT_ATOMS: atom_id res chain seq x y z
N PRO A 2 1.03 -12.24 -9.45
CA PRO A 2 1.45 -11.16 -8.54
C PRO A 2 1.63 -11.65 -7.11
N GLU A 3 2.57 -11.03 -6.40
CA GLU A 3 2.86 -11.39 -5.02
C GLU A 3 2.75 -10.14 -4.15
N ARG A 4 2.37 -10.35 -2.89
CA ARG A 4 2.19 -9.23 -1.96
C ARG A 4 3.39 -8.28 -1.95
N LEU A 5 3.10 -6.99 -1.97
CA LEU A 5 4.11 -5.92 -1.93
C LEU A 5 4.68 -5.54 -3.28
N GLN A 6 4.42 -6.33 -4.32
CA GLN A 6 4.94 -5.99 -5.64
C GLN A 6 4.25 -4.73 -6.15
N VAL A 7 5.00 -3.90 -6.88
CA VAL A 7 4.46 -2.65 -7.44
C VAL A 7 4.38 -2.76 -8.96
N TYR A 8 3.19 -2.50 -9.50
CA TYR A 8 2.96 -2.55 -10.95
C TYR A 8 2.54 -1.20 -11.52
N LYS A 9 2.99 -0.91 -12.73
CA LYS A 9 2.67 0.35 -13.39
C LYS A 9 2.01 0.15 -14.75
N CYS A 10 1.01 0.96 -15.07
N CYS A 10 1.04 1.02 -15.02
N CYS A 10 0.97 0.93 -15.01
CA CYS A 10 0.40 0.82 -16.37
CA CYS A 10 0.30 1.05 -16.28
CA CYS A 10 0.24 0.85 -16.26
C CYS A 10 0.98 1.80 -17.38
C CYS A 10 1.09 1.88 -17.28
C CYS A 10 1.13 1.34 -17.40
N GLU A 11 1.68 1.26 -18.29
N GLU A 11 1.50 1.27 -18.47
CA GLU A 11 2.40 2.03 -19.29
CA GLU A 11 2.08 2.11 -19.52
C GLU A 11 1.37 2.90 -20.00
C GLU A 11 0.95 2.96 -20.11
N VAL A 12 1.73 4.15 -20.27
N VAL A 12 1.30 4.08 -20.71
CA VAL A 12 0.85 5.10 -20.95
CA VAL A 12 0.34 4.98 -21.32
C VAL A 12 -0.21 5.73 -20.06
C VAL A 12 -0.43 5.88 -20.34
N CYS A 13 -1.02 4.92 -19.39
N CYS A 13 -1.21 5.30 -19.44
CA CYS A 13 -2.08 5.46 -18.56
CA CYS A 13 -1.98 6.12 -18.51
C CYS A 13 -1.68 5.94 -17.16
C CYS A 13 -1.20 6.54 -17.27
N GLY A 14 -0.47 5.57 -16.72
N GLY A 14 -0.70 5.58 -16.50
CA GLY A 14 0.03 6.06 -15.45
CA GLY A 14 0.07 5.93 -15.32
C GLY A 14 -0.29 5.40 -14.12
C GLY A 14 -0.40 5.33 -14.01
N ASN A 15 -1.37 4.64 -14.03
N ASN A 15 -1.29 4.35 -14.06
CA ASN A 15 -1.70 4.00 -12.77
CA ASN A 15 -1.78 3.72 -12.84
C ASN A 15 -0.53 3.20 -12.21
C ASN A 15 -0.65 2.94 -12.17
N ILE A 16 -0.40 3.20 -10.89
CA ILE A 16 0.64 2.45 -10.20
C ILE A 16 -0.05 1.85 -8.98
N VAL A 17 0.03 0.53 -8.86
CA VAL A 17 -0.61 -0.15 -7.74
C VAL A 17 0.36 -1.05 -6.99
N GLU A 18 0.00 -1.36 -5.76
CA GLU A 18 0.81 -2.23 -4.91
C GLU A 18 -0.06 -3.42 -4.54
N VAL A 19 0.50 -4.62 -4.65
CA VAL A 19 -0.25 -5.82 -4.34
C VAL A 19 -0.49 -6.05 -2.86
N LEU A 20 -1.75 -6.23 -2.47
CA LEU A 20 -2.08 -6.48 -1.07
C LEU A 20 -2.35 -7.97 -0.87
N ASN A 21 -2.83 -8.61 -1.92
CA ASN A 21 -3.09 -10.05 -1.87
C ASN A 21 -2.67 -10.62 -3.22
N GLY A 22 -1.81 -11.63 -3.19
CA GLY A 22 -1.33 -12.24 -4.41
C GLY A 22 -2.35 -13.09 -5.15
N GLY A 23 -1.99 -13.50 -6.36
CA GLY A 23 -2.86 -14.31 -7.19
C GLY A 23 -2.13 -14.71 -8.45
N ILE A 24 -2.78 -15.51 -9.29
CA ILE A 24 -2.15 -15.97 -10.53
C ILE A 24 -2.46 -15.09 -11.73
N GLY A 25 -3.57 -14.36 -11.65
CA GLY A 25 -3.96 -13.51 -12.76
C GLY A 25 -2.99 -12.40 -13.11
N GLU A 26 -2.93 -12.05 -14.39
CA GLU A 26 -2.04 -11.00 -14.86
C GLU A 26 -2.80 -9.67 -14.83
N LEU A 27 -2.21 -8.67 -14.20
CA LEU A 27 -2.84 -7.36 -14.13
C LEU A 27 -2.69 -6.70 -15.49
N VAL A 28 -3.80 -6.18 -16.02
CA VAL A 28 -3.82 -5.51 -17.32
C VAL A 28 -4.36 -4.09 -17.20
N CYS A 29 -3.86 -3.19 -18.05
N CYS A 29 -3.80 -3.20 -18.02
N CYS A 29 -3.80 -3.17 -18.01
CA CYS A 29 -4.33 -1.81 -18.08
CA CYS A 29 -4.16 -1.80 -17.98
CA CYS A 29 -4.23 -1.78 -18.01
C CYS A 29 -3.86 -1.14 -19.36
C CYS A 29 -3.85 -1.12 -19.30
C CYS A 29 -3.80 -1.08 -19.28
N CYS A 30 -4.87 -0.55 -19.92
N CYS A 30 -4.78 -0.45 -20.04
CA CYS A 30 -4.72 0.14 -21.20
CA CYS A 30 -4.47 0.23 -21.30
C CYS A 30 -4.08 -0.72 -22.30
C CYS A 30 -4.00 -0.75 -22.38
N ASN A 31 -4.71 -1.87 -22.49
CA ASN A 31 -4.37 -2.87 -23.50
C ASN A 31 -3.01 -3.56 -23.43
N GLN A 32 -2.36 -3.51 -22.27
CA GLN A 32 -1.09 -4.19 -22.09
C GLN A 32 -0.99 -4.71 -20.67
N ASP A 33 -0.12 -5.69 -20.46
CA ASP A 33 0.08 -6.20 -19.11
C ASP A 33 0.72 -5.07 -18.32
N MET A 34 0.35 -4.93 -17.06
CA MET A 34 0.97 -3.90 -16.25
C MET A 34 2.40 -4.33 -16.04
N LYS A 35 3.30 -3.36 -15.98
CA LYS A 35 4.73 -3.60 -15.82
C LYS A 35 5.20 -3.72 -14.38
N LEU A 36 5.84 -4.84 -14.05
CA LEU A 36 6.37 -5.03 -12.70
C LEU A 36 7.52 -4.06 -12.52
N MET A 37 7.45 -3.22 -11.50
CA MET A 37 8.52 -2.26 -11.23
C MET A 37 9.46 -2.92 -10.23
N SER A 38 10.38 -3.73 -10.75
CA SER A 38 11.34 -4.45 -9.94
C SER A 38 12.39 -3.50 -9.37
N GLU A 39 12.71 -3.66 -8.10
CA GLU A 39 13.67 -2.78 -7.44
C GLU A 39 15.12 -2.89 -7.91
N ASN A 40 15.76 -1.73 -8.01
CA ASN A 40 17.18 -1.61 -8.37
C ASN A 40 17.58 -2.17 -9.73
N THR A 41 16.68 -2.12 -10.69
CA THR A 41 16.97 -2.64 -12.02
C THR A 41 17.20 -1.53 -13.05
N VAL A 42 16.82 -0.31 -12.70
CA VAL A 42 16.98 0.83 -13.60
C VAL A 42 18.41 1.38 -13.62
N ASP A 43 18.87 1.75 -14.81
CA ASP A 43 20.20 2.31 -14.97
C ASP A 43 20.20 3.78 -14.56
N ALA A 44 20.29 4.02 -13.25
CA ALA A 44 20.30 5.39 -12.72
C ALA A 44 21.28 5.46 -11.55
N ALA A 45 21.65 6.67 -11.17
CA ALA A 45 22.61 6.87 -10.07
C ALA A 45 22.10 6.30 -8.75
N LYS A 46 22.86 5.37 -8.20
CA LYS A 46 22.49 4.75 -6.93
C LYS A 46 22.63 5.76 -5.78
N ALA A 47 23.58 6.67 -5.92
CA ALA A 47 23.81 7.68 -4.88
C ALA A 47 22.56 8.49 -4.55
N LYS A 48 21.73 8.75 -5.56
CA LYS A 48 20.51 9.51 -5.33
C LYS A 48 19.24 8.66 -5.22
N HIS A 49 19.32 7.39 -5.60
CA HIS A 49 18.14 6.54 -5.57
C HIS A 49 18.07 5.43 -4.53
N VAL A 50 19.22 4.90 -4.11
CA VAL A 50 19.18 3.83 -3.11
C VAL A 50 18.85 4.42 -1.75
N PRO A 51 17.79 3.93 -1.09
CA PRO A 51 17.45 4.48 0.22
C PRO A 51 18.56 4.25 1.24
N VAL A 52 18.75 5.22 2.13
CA VAL A 52 19.75 5.14 3.20
C VAL A 52 18.94 5.03 4.48
N ILE A 53 19.20 3.98 5.25
CA ILE A 53 18.48 3.74 6.50
C ILE A 53 19.30 4.13 7.72
N GLU A 54 18.70 4.96 8.57
CA GLU A 54 19.34 5.41 9.80
C GLU A 54 18.48 5.02 10.99
N LYS A 55 19.04 4.26 11.92
CA LYS A 55 18.29 3.86 13.10
C LYS A 55 18.17 5.05 14.04
N ILE A 56 16.97 5.32 14.51
CA ILE A 56 16.74 6.43 15.44
C ILE A 56 15.98 5.90 16.64
N ASP A 57 15.70 6.78 17.59
CA ASP A 57 14.98 6.38 18.79
C ASP A 57 13.52 6.09 18.44
N GLY A 58 13.13 4.83 18.56
CA GLY A 58 11.76 4.45 18.27
C GLY A 58 11.48 3.99 16.86
N GLY A 59 12.48 4.06 15.97
CA GLY A 59 12.24 3.63 14.61
C GLY A 59 13.38 3.80 13.64
N TYR A 60 13.04 4.26 12.43
CA TYR A 60 14.04 4.45 11.38
C TYR A 60 13.75 5.72 10.61
N LYS A 61 14.82 6.35 10.12
CA LYS A 61 14.71 7.54 9.30
C LYS A 61 15.26 7.12 7.95
N VAL A 62 14.49 7.34 6.90
CA VAL A 62 14.92 6.95 5.55
C VAL A 62 15.17 8.16 4.67
N LYS A 63 16.35 8.23 4.08
CA LYS A 63 16.68 9.34 3.18
C LYS A 63 16.98 8.79 1.78
N VAL A 64 16.55 9.52 0.77
CA VAL A 64 16.78 9.12 -0.61
C VAL A 64 17.59 10.20 -1.31
N GLY A 65 18.90 9.99 -1.50
CA GLY A 65 19.57 8.78 -1.03
C GLY A 65 20.83 9.22 -0.32
N ALA A 66 21.98 8.63 -0.65
CA ALA A 66 23.24 9.04 -0.02
C ALA A 66 23.39 10.52 -0.33
N VAL A 67 22.94 10.88 -1.54
CA VAL A 67 22.96 12.26 -2.01
C VAL A 67 21.48 12.60 -2.18
N ALA A 68 21.06 13.71 -1.60
CA ALA A 68 19.66 14.13 -1.68
C ALA A 68 19.11 14.13 -3.10
N HIS A 69 18.02 13.39 -3.32
CA HIS A 69 17.38 13.30 -4.62
C HIS A 69 16.53 14.54 -4.88
N PRO A 70 16.43 14.96 -6.15
CA PRO A 70 15.62 16.14 -6.49
C PRO A 70 14.14 15.95 -6.13
N MET A 71 13.47 17.04 -5.80
CA MET A 71 12.04 16.99 -5.50
C MET A 71 11.39 18.11 -6.30
N GLU A 72 11.50 17.98 -7.62
CA GLU A 72 10.96 18.95 -8.56
C GLU A 72 9.65 18.46 -9.15
N GLU A 73 8.85 19.40 -9.65
CA GLU A 73 7.56 19.07 -10.25
C GLU A 73 7.61 17.91 -11.24
N LYS A 74 8.65 17.86 -12.06
CA LYS A 74 8.76 16.81 -13.07
C LYS A 74 9.71 15.66 -12.72
N HIS A 75 10.36 15.75 -11.57
CA HIS A 75 11.30 14.72 -11.16
C HIS A 75 11.41 14.71 -9.64
N TYR A 76 10.72 13.75 -9.00
CA TYR A 76 10.74 13.67 -7.55
C TYR A 76 10.46 12.27 -7.05
N ILE A 77 10.61 12.08 -5.75
CA ILE A 77 10.36 10.78 -5.12
C ILE A 77 8.88 10.82 -4.75
N GLN A 78 8.11 9.92 -5.33
CA GLN A 78 6.68 9.88 -5.09
C GLN A 78 6.25 9.34 -3.73
N TRP A 79 7.04 8.44 -3.18
CA TRP A 79 6.75 7.87 -1.87
C TRP A 79 7.93 7.08 -1.38
N ILE A 80 7.96 6.87 -0.07
CA ILE A 80 9.00 6.09 0.58
C ILE A 80 8.26 5.10 1.45
N GLU A 81 8.72 3.85 1.45
CA GLU A 81 8.08 2.82 2.26
C GLU A 81 9.08 2.12 3.14
N LEU A 82 8.59 1.59 4.25
CA LEU A 82 9.44 0.82 5.16
C LEU A 82 8.70 -0.50 5.32
N LEU A 83 9.40 -1.60 5.02
CA LEU A 83 8.81 -2.92 5.11
C LEU A 83 9.48 -3.67 6.25
N ALA A 84 8.67 -4.41 7.00
N ALA A 84 8.69 -4.40 7.03
CA ALA A 84 9.16 -5.21 8.13
CA ALA A 84 9.24 -5.15 8.15
C ALA A 84 8.23 -6.39 8.28
C ALA A 84 8.19 -6.03 8.79
N ASP A 85 8.59 -7.33 9.16
N ASP A 85 8.47 -7.33 8.83
CA ASP A 85 7.78 -8.52 9.42
CA ASP A 85 7.57 -8.32 9.42
C ASP A 85 6.62 -8.62 8.44
C ASP A 85 6.10 -7.98 9.23
N ASP A 86 5.43 -8.22 8.90
N ASP A 86 5.51 -8.48 8.15
CA ASP A 86 4.23 -8.24 8.07
CA ASP A 86 4.10 -8.27 7.87
C ASP A 86 3.65 -6.83 8.06
C ASP A 86 3.59 -6.82 7.89
N LYS A 87 4.50 -5.86 7.73
CA LYS A 87 4.10 -4.45 7.72
C LYS A 87 4.63 -3.75 6.48
N CYS A 88 3.84 -2.81 5.97
CA CYS A 88 4.26 -1.99 4.84
C CYS A 88 3.76 -0.59 5.17
N TYR A 89 4.68 0.27 5.60
CA TYR A 89 4.35 1.65 5.95
C TYR A 89 4.73 2.53 4.77
N THR A 90 3.77 3.30 4.29
CA THR A 90 3.99 4.16 3.14
C THR A 90 3.82 5.63 3.46
N GLN A 91 4.79 6.42 3.05
CA GLN A 91 4.77 7.87 3.23
C GLN A 91 4.78 8.49 1.83
N PHE A 92 3.69 9.17 1.48
CA PHE A 92 3.60 9.81 0.17
C PHE A 92 4.29 11.17 0.21
N LEU A 93 4.90 11.55 -0.91
CA LEU A 93 5.61 12.82 -0.99
C LEU A 93 5.20 13.58 -2.24
N LYS A 94 5.52 14.88 -2.25
CA LYS A 94 5.21 15.71 -3.41
C LYS A 94 6.34 16.69 -3.64
N PRO A 95 6.43 17.27 -4.84
CA PRO A 95 7.50 18.23 -5.13
C PRO A 95 7.53 19.32 -4.05
N GLY A 96 8.74 19.73 -3.66
CA GLY A 96 8.86 20.76 -2.65
C GLY A 96 9.09 20.23 -1.24
N GLN A 97 8.95 18.92 -1.07
CA GLN A 97 9.18 18.30 0.23
C GLN A 97 10.56 17.65 0.19
N ALA A 98 11.06 17.22 1.35
CA ALA A 98 12.36 16.57 1.41
C ALA A 98 12.20 15.09 1.08
N PRO A 99 13.21 14.49 0.41
CA PRO A 99 13.19 13.08 0.04
C PRO A 99 13.57 12.28 1.28
N GLU A 100 12.72 12.38 2.28
CA GLU A 100 12.96 11.75 3.58
C GLU A 100 11.66 11.32 4.23
N ALA A 101 11.75 10.32 5.11
CA ALA A 101 10.57 9.84 5.82
C ALA A 101 10.98 9.18 7.12
N VAL A 102 10.16 9.36 8.16
CA VAL A 102 10.43 8.76 9.45
C VAL A 102 9.35 7.76 9.78
N PHE A 103 9.77 6.58 10.24
CA PHE A 103 8.84 5.51 10.58
C PHE A 103 9.11 5.01 12.00
N LEU A 104 8.09 5.05 12.84
CA LEU A 104 8.23 4.56 14.20
C LEU A 104 7.73 3.12 14.21
N ILE A 105 8.66 2.18 14.35
CA ILE A 105 8.30 0.76 14.34
C ILE A 105 9.28 -0.04 15.18
N GLU A 106 8.80 -1.17 15.71
CA GLU A 106 9.61 -2.05 16.53
C GLU A 106 10.03 -3.26 15.69
N ALA A 107 11.03 -3.06 14.85
CA ALA A 107 11.53 -4.12 13.98
C ALA A 107 13.03 -3.96 13.83
N ALA A 108 13.77 -5.04 14.05
CA ALA A 108 15.23 -5.01 13.94
C ALA A 108 15.69 -5.12 12.49
N LYS A 109 14.91 -5.83 11.68
CA LYS A 109 15.24 -6.02 10.28
C LYS A 109 14.19 -5.37 9.39
N VAL A 110 14.60 -4.36 8.62
CA VAL A 110 13.67 -3.66 7.76
C VAL A 110 14.19 -3.48 6.34
N VAL A 111 13.27 -3.16 5.43
CA VAL A 111 13.62 -2.92 4.04
C VAL A 111 12.97 -1.59 3.67
N ALA A 112 13.77 -0.66 3.14
CA ALA A 112 13.25 0.63 2.74
C ALA A 112 13.12 0.67 1.23
N ARG A 113 12.03 1.25 0.74
CA ARG A 113 11.83 1.37 -0.70
C ARG A 113 11.45 2.81 -1.04
N GLU A 114 11.68 3.18 -2.29
CA GLU A 114 11.32 4.52 -2.74
C GLU A 114 11.04 4.41 -4.22
N TYR A 115 10.12 5.23 -4.69
CA TYR A 115 9.79 5.23 -6.11
C TYR A 115 9.96 6.62 -6.70
N CYS A 116 10.80 6.72 -7.71
CA CYS A 116 11.05 7.99 -8.41
C CYS A 116 10.19 7.98 -9.68
N ASN A 117 9.47 9.07 -9.93
CA ASN A 117 8.58 9.12 -11.09
C ASN A 117 9.33 8.90 -12.41
N ILE A 118 10.63 9.17 -12.41
CA ILE A 118 11.43 8.98 -13.61
C ILE A 118 12.29 7.72 -13.59
N HIS A 119 13.00 7.51 -12.48
CA HIS A 119 13.91 6.37 -12.39
C HIS A 119 13.46 5.09 -11.71
N GLY A 120 12.16 4.95 -11.48
CA GLY A 120 11.66 3.72 -10.90
C GLY A 120 11.75 3.40 -9.42
N HIS A 121 11.65 2.10 -9.17
CA HIS A 121 11.63 1.50 -7.83
C HIS A 121 13.01 1.11 -7.33
N TRP A 122 13.32 1.48 -6.08
CA TRP A 122 14.60 1.16 -5.45
C TRP A 122 14.41 0.71 -4.00
N LYS A 123 15.34 -0.10 -3.50
CA LYS A 123 15.25 -0.58 -2.13
C LYS A 123 16.60 -0.79 -1.47
N ALA A 124 16.58 -0.94 -0.16
CA ALA A 124 17.78 -1.17 0.64
C ALA A 124 17.34 -1.82 1.94
N GLU A 125 18.25 -2.55 2.58
CA GLU A 125 17.92 -3.20 3.85
C GLU A 125 19.02 -2.92 4.86
N ASN A 126 18.69 -3.10 6.13
CA ASN A 126 19.67 -2.87 7.19
C ASN A 126 20.21 -4.21 7.68
N PRO B 2 -8.63 5.45 -11.67
CA PRO B 2 -8.50 5.08 -10.25
C PRO B 2 -7.90 6.22 -9.43
N GLU B 3 -8.15 6.18 -8.13
CA GLU B 3 -7.66 7.20 -7.21
C GLU B 3 -6.76 6.56 -6.15
N ARG B 4 -5.85 7.37 -5.62
CA ARG B 4 -4.91 6.91 -4.60
C ARG B 4 -5.61 6.27 -3.41
N LEU B 5 -5.05 5.14 -3.00
CA LEU B 5 -5.52 4.32 -1.88
C LEU B 5 -6.79 3.51 -2.09
N GLN B 6 -7.39 3.58 -3.28
CA GLN B 6 -8.57 2.75 -3.54
C GLN B 6 -8.06 1.31 -3.61
N VAL B 7 -8.91 0.37 -3.23
CA VAL B 7 -8.57 -1.05 -3.26
C VAL B 7 -9.41 -1.75 -4.33
N TYR B 8 -8.75 -2.52 -5.19
CA TYR B 8 -9.41 -3.25 -6.26
C TYR B 8 -9.11 -4.73 -6.16
N LYS B 9 -10.08 -5.55 -6.51
CA LYS B 9 -9.92 -7.00 -6.45
C LYS B 9 -10.36 -7.74 -7.70
N CYS B 10 -9.62 -8.77 -8.07
N CYS B 10 -9.64 -8.79 -8.05
CA CYS B 10 -9.98 -9.57 -9.22
CA CYS B 10 -10.00 -9.62 -9.20
C CYS B 10 -10.85 -10.69 -8.62
C CYS B 10 -11.19 -10.45 -8.70
N GLU B 11 -12.12 -10.71 -8.99
N GLU B 11 -12.39 -10.07 -9.12
CA GLU B 11 -13.04 -11.71 -8.47
CA GLU B 11 -13.60 -10.77 -8.68
C GLU B 11 -12.77 -13.11 -8.99
C GLU B 11 -13.63 -12.27 -8.98
N VAL B 12 -11.81 -13.23 -9.91
N VAL B 12 -12.61 -12.76 -9.71
CA VAL B 12 -11.49 -14.53 -10.48
CA VAL B 12 -12.57 -14.18 -10.04
C VAL B 12 -10.31 -15.21 -9.78
C VAL B 12 -11.17 -14.79 -9.91
N CYS B 13 -9.14 -14.59 -9.82
N CYS B 13 -10.16 -13.94 -9.73
CA CYS B 13 -7.95 -15.19 -9.21
CA CYS B 13 -8.80 -14.45 -9.61
C CYS B 13 -7.64 -14.78 -7.77
C CYS B 13 -8.05 -14.17 -8.31
N GLY B 14 -8.21 -13.68 -7.32
N GLY B 14 -8.75 -13.66 -7.31
CA GLY B 14 -7.95 -13.26 -5.94
CA GLY B 14 -8.12 -13.41 -6.01
C GLY B 14 -6.98 -12.11 -5.77
C GLY B 14 -7.38 -12.09 -5.82
N ASN B 15 -6.41 -11.60 -6.87
N ASN B 15 -6.33 -11.88 -6.62
CA ASN B 15 -5.49 -10.48 -6.79
CA ASN B 15 -5.51 -10.66 -6.54
C ASN B 15 -6.20 -9.29 -6.17
C ASN B 15 -6.26 -9.44 -6.00
N ILE B 16 -5.58 -8.65 -5.19
CA ILE B 16 -6.15 -7.45 -4.59
C ILE B 16 -5.03 -6.43 -4.57
N VAL B 17 -5.28 -5.24 -5.08
CA VAL B 17 -4.25 -4.21 -5.12
C VAL B 17 -4.74 -2.89 -4.54
N GLU B 18 -3.77 -2.07 -4.14
CA GLU B 18 -4.04 -0.76 -3.58
C GLU B 18 -3.36 0.27 -4.50
N VAL B 19 -4.12 1.29 -4.88
CA VAL B 19 -3.59 2.32 -5.78
C VAL B 19 -2.60 3.26 -5.10
N LEU B 20 -1.42 3.39 -5.69
CA LEU B 20 -0.40 4.29 -5.17
C LEU B 20 -0.41 5.58 -5.98
N ASN B 21 -0.68 5.45 -7.28
N ASN B 21 -0.56 5.44 -7.29
CA ASN B 21 -0.79 6.60 -8.18
CA ASN B 21 -0.57 6.62 -8.15
C ASN B 21 -2.03 6.27 -9.02
C ASN B 21 -1.77 6.58 -9.05
N GLY B 22 -2.96 7.23 -9.08
N GLY B 22 -2.67 7.54 -8.89
CA GLY B 22 -4.21 7.03 -9.80
CA GLY B 22 -3.85 7.59 -9.72
C GLY B 22 -4.27 6.70 -11.28
C GLY B 22 -3.47 7.59 -11.18
N GLY B 23 -3.88 7.65 -12.13
N GLY B 23 -4.39 7.12 -12.00
CA GLY B 23 -3.93 7.41 -13.57
CA GLY B 23 -4.15 7.07 -13.42
C GLY B 23 -5.34 7.53 -14.15
C GLY B 23 -5.49 7.13 -14.10
N ILE B 24 -5.50 7.15 -15.42
CA ILE B 24 -6.78 7.22 -16.10
C ILE B 24 -7.23 5.88 -16.70
N GLY B 25 -6.39 4.86 -16.57
CA GLY B 25 -6.76 3.56 -17.13
C GLY B 25 -7.59 2.71 -16.20
N GLU B 26 -8.39 1.81 -16.77
CA GLU B 26 -9.21 0.92 -15.95
C GLU B 26 -8.41 -0.35 -15.70
N LEU B 27 -8.34 -0.74 -14.42
CA LEU B 27 -7.61 -1.94 -14.02
C LEU B 27 -8.37 -3.19 -14.43
N VAL B 28 -7.67 -4.11 -15.09
CA VAL B 28 -8.28 -5.34 -15.57
C VAL B 28 -7.52 -6.57 -15.10
N CYS B 29 -8.23 -7.67 -14.90
N CYS B 29 -8.28 -7.63 -14.84
CA CYS B 29 -7.59 -8.93 -14.51
CA CYS B 29 -7.74 -8.87 -14.34
C CYS B 29 -8.51 -10.09 -14.84
C CYS B 29 -8.59 -10.05 -14.77
N CYS B 30 -7.94 -11.16 -15.38
N CYS B 30 -7.95 -11.08 -15.31
CA CYS B 30 -8.70 -12.34 -15.74
CA CYS B 30 -8.65 -12.28 -15.75
C CYS B 30 -9.92 -12.03 -16.61
C CYS B 30 -9.90 -11.98 -16.57
N ASN B 31 -9.71 -11.19 -17.62
CA ASN B 31 -10.77 -10.81 -18.55
C ASN B 31 -11.96 -10.02 -18.03
N GLN B 32 -11.77 -9.29 -16.95
CA GLN B 32 -12.85 -8.47 -16.41
C GLN B 32 -12.30 -7.36 -15.55
N ASP B 33 -13.00 -6.23 -15.55
CA ASP B 33 -12.57 -5.08 -14.76
C ASP B 33 -12.43 -5.49 -13.30
N MET B 34 -11.35 -5.05 -12.66
CA MET B 34 -11.18 -5.35 -11.25
C MET B 34 -12.25 -4.57 -10.52
N LYS B 35 -12.76 -5.15 -9.44
CA LYS B 35 -13.82 -4.54 -8.66
C LYS B 35 -13.32 -3.56 -7.61
N LEU B 36 -13.88 -2.36 -7.62
CA LEU B 36 -13.53 -1.35 -6.64
C LEU B 36 -14.17 -1.81 -5.34
N MET B 37 -13.36 -2.05 -4.33
CA MET B 37 -13.87 -2.48 -3.04
C MET B 37 -14.15 -1.26 -2.19
N SER B 38 -15.34 -0.70 -2.34
CA SER B 38 -15.73 0.48 -1.58
C SER B 38 -15.98 0.15 -0.12
N GLU B 39 -15.50 1.03 0.77
CA GLU B 39 -15.65 0.80 2.20
C GLU B 39 -17.08 0.91 2.72
N ASN B 40 -17.43 -0.04 3.60
CA ASN B 40 -18.73 -0.12 4.24
C ASN B 40 -19.88 -0.26 3.26
N THR B 41 -19.73 -1.14 2.28
CA THR B 41 -20.76 -1.35 1.28
C THR B 41 -21.35 -2.76 1.31
N VAL B 42 -20.59 -3.71 1.84
CA VAL B 42 -21.05 -5.09 1.94
C VAL B 42 -22.09 -5.24 3.03
N ASP B 43 -23.16 -5.98 2.75
CA ASP B 43 -24.23 -6.19 3.73
C ASP B 43 -23.74 -7.17 4.79
N ALA B 44 -23.01 -6.65 5.76
CA ALA B 44 -22.47 -7.47 6.86
C ALA B 44 -22.61 -6.71 8.18
N ALA B 45 -22.40 -7.41 9.28
CA ALA B 45 -22.52 -6.82 10.61
C ALA B 45 -21.44 -5.78 10.87
N LYS B 46 -21.86 -4.57 11.22
CA LYS B 46 -20.92 -3.50 11.51
C LYS B 46 -20.21 -3.72 12.83
N ALA B 47 -20.84 -4.46 13.73
CA ALA B 47 -20.28 -4.73 15.05
C ALA B 47 -18.92 -5.44 14.97
N LYS B 48 -18.76 -6.33 13.99
CA LYS B 48 -17.50 -7.05 13.84
C LYS B 48 -16.62 -6.56 12.69
N HIS B 49 -17.10 -5.61 11.89
CA HIS B 49 -16.30 -5.15 10.77
C HIS B 49 -15.81 -3.71 10.82
N VAL B 50 -16.60 -2.82 11.39
CA VAL B 50 -16.19 -1.43 11.47
C VAL B 50 -15.04 -1.30 12.46
N PRO B 51 -13.89 -0.79 12.01
CA PRO B 51 -12.75 -0.64 12.91
C PRO B 51 -13.05 0.29 14.10
N VAL B 52 -12.45 -0.02 15.24
CA VAL B 52 -12.60 0.79 16.43
C VAL B 52 -11.21 1.34 16.71
N ILE B 53 -11.10 2.67 16.78
CA ILE B 53 -9.83 3.33 16.99
C ILE B 53 -9.65 3.82 18.42
N GLU B 54 -8.50 3.49 19.02
CA GLU B 54 -8.19 3.93 20.38
C GLU B 54 -6.85 4.65 20.42
N LYS B 55 -6.89 5.91 20.83
CA LYS B 55 -5.68 6.71 20.92
C LYS B 55 -4.81 6.23 22.07
N ILE B 56 -3.53 6.01 21.79
CA ILE B 56 -2.58 5.59 22.81
C ILE B 56 -1.40 6.54 22.76
N ASP B 57 -0.45 6.36 23.68
CA ASP B 57 0.72 7.23 23.69
C ASP B 57 1.59 7.00 22.47
N GLY B 58 1.67 8.01 21.62
CA GLY B 58 2.49 7.90 20.42
C GLY B 58 1.79 7.36 19.19
N GLY B 59 0.54 6.95 19.32
CA GLY B 59 -0.16 6.42 18.17
C GLY B 59 -1.59 5.99 18.41
N TYR B 60 -2.00 4.93 17.73
CA TYR B 60 -3.36 4.42 17.84
C TYR B 60 -3.39 2.90 17.82
N LYS B 61 -4.38 2.34 18.50
CA LYS B 61 -4.58 0.90 18.51
C LYS B 61 -5.88 0.73 17.74
N VAL B 62 -5.90 -0.21 16.81
CA VAL B 62 -7.10 -0.43 16.02
C VAL B 62 -7.59 -1.85 16.24
N LYS B 63 -8.87 -1.98 16.57
CA LYS B 63 -9.48 -3.28 16.80
C LYS B 63 -10.61 -3.47 15.78
N VAL B 64 -10.76 -4.69 15.28
CA VAL B 64 -11.80 -5.00 14.31
C VAL B 64 -12.71 -6.10 14.87
N GLY B 65 -13.90 -5.75 15.37
CA GLY B 65 -14.36 -4.38 15.44
C GLY B 65 -14.77 -4.13 16.88
N ALA B 66 -15.96 -3.59 17.12
CA ALA B 66 -16.43 -3.36 18.48
C ALA B 66 -16.42 -4.72 19.16
N VAL B 67 -16.82 -5.73 18.41
CA VAL B 67 -16.83 -7.11 18.86
C VAL B 67 -15.76 -7.76 17.99
N ALA B 68 -14.87 -8.52 18.62
CA ALA B 68 -13.79 -9.18 17.89
C ALA B 68 -14.27 -9.99 16.70
N HIS B 69 -13.69 -9.70 15.53
CA HIS B 69 -14.04 -10.40 14.30
C HIS B 69 -13.31 -11.74 14.25
N PRO B 70 -13.91 -12.74 13.58
CA PRO B 70 -13.26 -14.05 13.49
C PRO B 70 -11.89 -13.97 12.81
N MET B 71 -11.01 -14.90 13.18
CA MET B 71 -9.68 -14.96 12.59
C MET B 71 -9.39 -16.43 12.30
N GLU B 72 -10.25 -17.02 11.47
CA GLU B 72 -10.14 -18.43 11.08
C GLU B 72 -9.54 -18.51 9.68
N GLU B 73 -9.06 -19.70 9.31
CA GLU B 73 -8.45 -19.89 8.00
C GLU B 73 -9.31 -19.44 6.82
N LYS B 74 -10.61 -19.67 6.91
CA LYS B 74 -11.52 -19.31 5.82
C LYS B 74 -12.29 -18.01 6.05
N HIS B 75 -12.05 -17.38 7.19
CA HIS B 75 -12.73 -16.13 7.51
C HIS B 75 -11.91 -15.34 8.50
N TYR B 76 -11.21 -14.32 8.01
CA TYR B 76 -10.39 -13.50 8.88
C TYR B 76 -10.11 -12.14 8.28
N ILE B 77 -9.53 -11.27 9.12
CA ILE B 77 -9.16 -9.92 8.70
C ILE B 77 -7.77 -10.06 8.10
N GLN B 78 -7.65 -9.77 6.81
CA GLN B 78 -6.38 -9.90 6.12
C GLN B 78 -5.38 -8.79 6.45
N TRP B 79 -5.90 -7.60 6.75
CA TRP B 79 -5.01 -6.49 7.11
C TRP B 79 -5.80 -5.34 7.69
N ILE B 80 -5.09 -4.51 8.46
CA ILE B 80 -5.66 -3.31 9.05
C ILE B 80 -4.72 -2.19 8.61
N GLU B 81 -5.29 -1.06 8.20
CA GLU B 81 -4.47 0.07 7.77
C GLU B 81 -4.85 1.32 8.53
N LEU B 82 -3.89 2.22 8.68
CA LEU B 82 -4.16 3.49 9.33
C LEU B 82 -3.74 4.52 8.29
N LEU B 83 -4.68 5.39 7.93
CA LEU B 83 -4.42 6.42 6.93
C LEU B 83 -4.38 7.81 7.53
N ALA B 84 -3.53 8.65 6.96
N ALA B 84 -3.48 8.61 7.00
CA ALA B 84 -3.40 10.04 7.37
CA ALA B 84 -3.32 10.00 7.42
C ALA B 84 -3.63 10.87 6.11
C ALA B 84 -3.33 10.80 6.13
N ASP B 85 -3.16 12.12 6.11
N ASP B 85 -3.29 12.12 6.23
CA ASP B 85 -3.34 12.96 4.93
CA ASP B 85 -3.30 12.96 5.06
C ASP B 85 -2.26 12.67 3.89
C ASP B 85 -2.32 12.49 3.99
N ASP B 86 -1.22 11.93 4.30
N ASP B 86 -1.13 12.07 4.40
CA ASP B 86 -0.13 11.60 3.39
CA ASP B 86 -0.12 11.62 3.43
C ASP B 86 0.56 10.28 3.75
C ASP B 86 0.58 10.32 3.80
N LYS B 87 -0.07 9.48 4.61
CA LYS B 87 0.53 8.20 5.00
C LYS B 87 -0.48 7.06 4.97
N CYS B 88 0.02 5.87 4.68
CA CYS B 88 -0.81 4.67 4.69
C CYS B 88 0.02 3.55 5.30
N TYR B 89 -0.29 3.22 6.55
CA TYR B 89 0.42 2.17 7.27
C TYR B 89 -0.41 0.91 7.20
N THR B 90 0.18 -0.16 6.66
CA THR B 90 -0.55 -1.41 6.51
C THR B 90 0.03 -2.52 7.37
N GLN B 91 -0.84 -3.13 8.17
CA GLN B 91 -0.47 -4.24 9.03
C GLN B 91 -1.21 -5.47 8.57
N PHE B 92 -0.49 -6.43 8.00
CA PHE B 92 -1.10 -7.67 7.54
C PHE B 92 -1.25 -8.61 8.72
N LEU B 93 -2.29 -9.43 8.69
CA LEU B 93 -2.56 -10.36 9.77
C LEU B 93 -2.72 -11.78 9.22
N LYS B 94 -2.81 -12.73 10.14
CA LYS B 94 -2.95 -14.14 9.77
C LYS B 94 -3.96 -14.79 10.69
N PRO B 95 -4.61 -15.87 10.23
CA PRO B 95 -5.58 -16.56 11.07
C PRO B 95 -4.92 -16.92 12.39
N GLY B 96 -5.69 -16.93 13.48
CA GLY B 96 -5.12 -17.27 14.78
C GLY B 96 -4.78 -16.04 15.61
N GLN B 97 -4.44 -14.95 14.92
CA GLN B 97 -4.11 -13.71 15.62
C GLN B 97 -5.38 -13.02 16.06
N ALA B 98 -5.24 -12.03 16.94
CA ALA B 98 -6.39 -11.26 17.39
C ALA B 98 -6.54 -10.19 16.31
N PRO B 99 -7.78 -9.79 15.98
CA PRO B 99 -7.98 -8.77 14.95
C PRO B 99 -7.68 -7.37 15.45
N GLU B 100 -6.40 -7.08 15.64
CA GLU B 100 -5.99 -5.77 16.11
C GLU B 100 -4.61 -5.40 15.60
N ALA B 101 -4.31 -4.12 15.64
CA ALA B 101 -3.02 -3.62 15.20
C ALA B 101 -2.69 -2.34 15.93
N VAL B 102 -1.39 -2.09 16.11
CA VAL B 102 -0.92 -0.89 16.78
C VAL B 102 -0.06 -0.11 15.80
N PHE B 103 -0.33 1.20 15.72
CA PHE B 103 0.41 2.07 14.83
C PHE B 103 0.98 3.26 15.60
N LEU B 104 2.29 3.44 15.55
CA LEU B 104 2.91 4.58 16.20
C LEU B 104 2.97 5.63 15.11
N ILE B 105 2.31 6.77 15.35
CA ILE B 105 2.27 7.80 14.34
C ILE B 105 1.88 9.14 14.96
N GLU B 106 2.35 10.21 14.35
CA GLU B 106 2.05 11.55 14.82
C GLU B 106 1.06 12.20 13.87
N ALA B 107 -0.21 11.93 14.09
CA ALA B 107 -1.28 12.49 13.26
C ALA B 107 -2.53 12.63 14.12
N ALA B 108 -3.11 13.82 14.11
CA ALA B 108 -4.31 14.09 14.91
C ALA B 108 -5.57 13.47 14.32
N LYS B 109 -5.66 13.44 13.00
CA LYS B 109 -6.81 12.87 12.32
C LYS B 109 -6.40 11.63 11.53
N VAL B 110 -7.04 10.50 11.82
CA VAL B 110 -6.71 9.26 11.13
C VAL B 110 -7.93 8.48 10.68
N VAL B 111 -7.73 7.65 9.66
CA VAL B 111 -8.78 6.81 9.14
C VAL B 111 -8.23 5.40 9.23
N ALA B 112 -9.00 4.51 9.84
CA ALA B 112 -8.58 3.12 9.97
C ALA B 112 -9.41 2.28 9.01
N ARG B 113 -8.75 1.36 8.31
CA ARG B 113 -9.44 0.50 7.37
C ARG B 113 -9.10 -0.95 7.67
N GLU B 114 -9.96 -1.86 7.24
CA GLU B 114 -9.71 -3.28 7.43
C GLU B 114 -10.35 -4.02 6.27
N TYR B 115 -9.81 -5.18 5.95
CA TYR B 115 -10.37 -5.98 4.87
C TYR B 115 -10.61 -7.40 5.34
N CYS B 116 -11.86 -7.85 5.25
CA CYS B 116 -12.25 -9.19 5.64
C CYS B 116 -12.31 -10.00 4.34
N ASN B 117 -11.62 -11.13 4.30
CA ASN B 117 -11.60 -11.92 3.07
C ASN B 117 -13.00 -12.25 2.56
N ILE B 118 -13.97 -12.35 3.47
CA ILE B 118 -15.33 -12.67 3.08
C ILE B 118 -16.24 -11.44 2.96
N HIS B 119 -16.17 -10.54 3.94
CA HIS B 119 -17.03 -9.37 3.94
C HIS B 119 -16.50 -8.05 3.43
N GLY B 120 -15.34 -8.08 2.79
CA GLY B 120 -14.80 -6.86 2.21
C GLY B 120 -14.13 -5.78 3.04
N HIS B 121 -14.14 -4.60 2.44
CA HIS B 121 -13.50 -3.38 2.94
C HIS B 121 -14.38 -2.52 3.86
N TRP B 122 -13.81 -2.13 5.00
CA TRP B 122 -14.53 -1.29 5.95
C TRP B 122 -13.59 -0.21 6.51
N LYS B 123 -14.17 0.92 6.93
CA LYS B 123 -13.38 2.01 7.47
C LYS B 123 -14.09 2.76 8.58
N ALA B 124 -13.33 3.56 9.31
CA ALA B 124 -13.85 4.37 10.39
C ALA B 124 -12.82 5.46 10.63
N GLU B 125 -13.23 6.59 11.18
CA GLU B 125 -12.28 7.66 11.45
C GLU B 125 -12.34 8.04 12.91
N ASN B 126 -11.27 8.65 13.42
CA ASN B 126 -11.23 9.05 14.82
C ASN B 126 -11.86 10.42 15.01
FE FE C . -3.57 2.26 -17.95
CA CA D . 1.06 0.83 3.02
FE FE E . 15.54 10.18 -10.08
N24 FC6 F . 17.74 11.23 -10.03
C24 FC6 F . 18.63 11.54 -10.70
FE2 FC6 F . 20.12 12.05 -11.84
C21 FC6 F . 19.83 13.87 -11.23
N25 FC6 F . 19.65 14.96 -10.86
C22 FC6 F . 21.51 11.60 -10.67
N22 FC6 F . 22.37 11.32 -9.94
C26 FC6 F . 18.80 12.43 -13.17
N21 FC6 F . 18.00 12.67 -13.99
C23 FC6 F . 20.28 10.26 -12.51
N23 FC6 F . 20.38 9.17 -12.91
C11 FC6 F . 21.49 12.63 -13.04
N11 FC6 F . 22.33 12.97 -13.77
FE FE G . -7.29 -12.12 -11.91
FE FE H . -16.36 -11.01 8.27
N24 FC6 I . -17.81 -11.39 9.91
C24 FC6 I . -18.82 -11.82 10.28
FE2 FC6 I . -20.53 -12.53 10.89
C21 FC6 I . -20.36 -13.85 9.49
N25 FC6 I . -20.27 -14.65 8.64
C22 FC6 I . -19.88 -13.58 12.31
N22 FC6 I . -19.47 -14.23 13.18
C26 FC6 I . -21.32 -11.40 9.57
N21 FC6 I . -21.81 -10.70 8.78
C23 FC6 I . -20.70 -11.13 12.19
N23 FC6 I . -20.82 -10.27 12.98
C11 FC6 I . -22.26 -13.19 11.38
N11 FC6 I . -23.31 -13.60 11.67
#